data_6BO0
#
_entry.id   6BO0
#
_cell.length_a   35.593
_cell.length_b   82.578
_cell.length_c   123.484
_cell.angle_alpha   90.000
_cell.angle_beta   90.000
_cell.angle_gamma   90.000
#
_symmetry.space_group_name_H-M   'C 2 2 21'
#
loop_
_entity.id
_entity.type
_entity.pdbx_description
1 polymer 'MdbA protein'
2 non-polymer 'TETRAETHYLENE GLYCOL'
3 water water
#
_entity_poly.entity_id   1
_entity_poly.type   'polypeptide(L)'
_entity_poly.pdbx_seq_one_letter_code
;SNASQEEKFAETYNETTAFNNKVDGSAVQLVSDKADKAKTVDIYEDFS(CSO)HYCSQLAKETDADMKKLIEDGKVKVNI
RTMNFLDKGEIGHSNKAGTAAYTIAKDDSAQVYWNFRTMLMTEQQNIWGKKELKDLADMAKILGAKDETVKKIADGTYSD
EFKKIADDNAKKLEKDGDGQVSSPRVFIDGKEIKENATWPSQIK
;
_entity_poly.pdbx_strand_id   A
#
# COMPACT_ATOMS: atom_id res chain seq x y z
N ASN A 2 -16.30 -3.97 14.17
CA ASN A 2 -17.62 -4.56 13.79
C ASN A 2 -18.31 -3.69 12.73
N ALA A 3 -19.47 -4.12 12.24
CA ALA A 3 -20.16 -3.45 11.13
C ALA A 3 -20.47 -1.98 11.39
N SER A 4 -20.95 -1.65 12.59
CA SER A 4 -21.36 -0.28 12.90
CA SER A 4 -21.35 -0.29 12.89
C SER A 4 -20.12 0.62 12.96
N GLN A 5 -19.01 0.09 13.47
CA GLN A 5 -17.76 0.86 13.49
C GLN A 5 -17.29 1.17 12.07
N GLU A 6 -17.39 0.15 11.23
CA GLU A 6 -16.85 0.26 9.87
C GLU A 6 -17.60 1.23 9.00
N GLU A 7 -18.91 1.42 9.22
CA GLU A 7 -19.64 2.40 8.44
CA GLU A 7 -19.69 2.42 8.50
C GLU A 7 -18.99 3.77 8.55
N LYS A 8 -18.47 4.09 9.74
CA LYS A 8 -17.84 5.40 9.98
CA LYS A 8 -17.80 5.37 10.02
C LYS A 8 -16.47 5.63 9.33
N PHE A 9 -15.87 4.58 8.77
CA PHE A 9 -14.63 4.66 8.07
C PHE A 9 -14.76 5.63 6.95
N ALA A 10 -15.96 5.81 6.37
CA ALA A 10 -16.09 6.72 5.23
C ALA A 10 -15.75 8.18 5.60
N GLU A 11 -15.96 8.52 6.87
CA GLU A 11 -15.59 9.84 7.40
C GLU A 11 -14.12 9.89 7.76
N THR A 12 -13.61 8.77 8.26
CA THR A 12 -12.26 8.71 8.80
C THR A 12 -11.19 8.67 7.71
N TYR A 13 -11.44 7.89 6.66
CA TYR A 13 -10.49 7.65 5.60
C TYR A 13 -11.02 8.25 4.30
N ASN A 14 -10.90 9.57 4.21
CA ASN A 14 -11.57 10.32 3.16
C ASN A 14 -10.73 11.46 2.63
N GLU A 15 -9.45 11.21 2.50
CA GLU A 15 -8.56 12.18 1.91
CA GLU A 15 -8.54 12.18 1.92
C GLU A 15 -8.74 12.28 0.41
N THR A 16 -8.46 13.46 -0.12
CA THR A 16 -8.43 13.66 -1.55
CA THR A 16 -8.46 13.68 -1.55
C THR A 16 -7.03 13.45 -2.04
N THR A 17 -6.91 13.01 -3.28
CA THR A 17 -5.61 12.80 -3.89
C THR A 17 -5.55 13.53 -5.22
N ALA A 18 -4.33 13.89 -5.61
CA ALA A 18 -4.05 14.51 -6.92
C ALA A 18 -2.86 13.80 -7.52
N PHE A 19 -3.02 12.53 -7.82
CA PHE A 19 -2.01 11.75 -8.50
C PHE A 19 -2.66 10.53 -9.12
N ASN A 20 -1.86 9.83 -9.92
CA ASN A 20 -2.29 8.66 -10.68
C ASN A 20 -1.77 7.39 -10.04
N ASN A 21 -2.48 6.30 -10.31
CA ASN A 21 -2.11 5.00 -9.80
C ASN A 21 -2.08 4.03 -10.95
N LYS A 22 -1.00 3.27 -11.05
CA LYS A 22 -1.03 2.15 -11.97
C LYS A 22 -0.10 1.04 -11.47
N VAL A 23 -0.32 -0.16 -11.96
CA VAL A 23 0.58 -1.25 -11.66
C VAL A 23 1.70 -1.25 -12.68
N ASP A 24 2.93 -1.25 -12.17
CA ASP A 24 4.14 -1.26 -12.98
CA ASP A 24 4.10 -1.32 -13.02
C ASP A 24 5.00 -2.42 -12.50
N GLY A 25 5.04 -3.53 -13.24
CA GLY A 25 5.76 -4.70 -12.76
C GLY A 25 5.08 -5.18 -11.50
N SER A 26 5.83 -5.26 -10.42
CA SER A 26 5.24 -5.69 -9.16
C SER A 26 4.97 -4.49 -8.23
N ALA A 27 5.07 -3.27 -8.75
CA ALA A 27 4.81 -2.06 -7.96
C ALA A 27 3.43 -1.49 -8.20
N VAL A 28 2.85 -0.92 -7.15
CA VAL A 28 1.80 0.05 -7.31
C VAL A 28 2.48 1.41 -7.39
N GLN A 29 2.43 2.01 -8.59
CA GLN A 29 3.14 3.26 -8.86
C GLN A 29 2.18 4.41 -8.65
N LEU A 30 2.61 5.34 -7.80
CA LEU A 30 1.89 6.57 -7.55
C LEU A 30 2.74 7.73 -8.03
N VAL A 31 2.20 8.50 -8.95
CA VAL A 31 2.97 9.57 -9.60
C VAL A 31 1.96 10.55 -10.16
N SER A 32 2.33 11.81 -10.15
CA SER A 32 1.45 12.79 -10.73
C SER A 32 1.92 13.28 -12.07
N ASP A 33 1.00 13.92 -12.78
CA ASP A 33 1.30 14.57 -14.06
C ASP A 33 2.35 15.69 -13.91
N LYS A 34 2.58 16.15 -12.68
CA LYS A 34 3.61 17.19 -12.45
C LYS A 34 5.01 16.64 -12.34
N ALA A 35 5.16 15.31 -12.38
CA ALA A 35 6.47 14.70 -12.25
C ALA A 35 7.51 15.38 -13.12
N ASP A 36 8.59 15.80 -12.48
CA ASP A 36 9.63 16.57 -13.13
C ASP A 36 10.94 16.06 -12.57
N LYS A 37 11.62 15.23 -13.35
CA LYS A 37 12.82 14.55 -12.90
C LYS A 37 12.58 13.91 -11.54
N ALA A 38 11.43 13.28 -11.35
CA ALA A 38 11.09 12.79 -10.01
C ALA A 38 12.02 11.69 -9.56
N LYS A 39 12.31 11.67 -8.27
CA LYS A 39 13.03 10.57 -7.63
C LYS A 39 12.11 9.35 -7.50
N THR A 40 12.68 8.18 -7.72
CA THR A 40 11.94 6.93 -7.53
C THR A 40 12.11 6.48 -6.08
N VAL A 41 10.99 6.28 -5.39
CA VAL A 41 11.02 5.87 -4.00
C VAL A 41 10.32 4.51 -3.93
N ASP A 42 11.07 3.48 -3.62
CA ASP A 42 10.53 2.12 -3.45
C ASP A 42 10.26 1.87 -1.97
N ILE A 43 9.05 1.47 -1.65
CA ILE A 43 8.64 1.20 -0.28
C ILE A 43 8.15 -0.23 -0.19
N TYR A 44 8.93 -1.06 0.49
CA TYR A 44 8.59 -2.46 0.72
C TYR A 44 7.86 -2.58 2.04
N GLU A 45 6.65 -3.14 1.99
CA GLU A 45 5.82 -3.19 3.18
C GLU A 45 4.89 -4.40 3.16
N ASP A 46 4.35 -4.72 4.33
CA ASP A 46 3.48 -5.87 4.54
C ASP A 46 2.35 -5.39 5.43
N PHE A 47 1.11 -5.66 5.02
CA PHE A 47 -0.05 -5.14 5.72
C PHE A 47 -0.26 -5.71 7.13
N SER A 48 0.47 -6.74 7.50
CA SER A 48 0.38 -7.26 8.87
C SER A 48 1.48 -6.76 9.80
N HIS A 50 3.74 -4.34 12.02
CA HIS A 50 3.62 -3.19 12.88
C HIS A 50 4.48 -2.02 12.45
N TYR A 51 5.75 -2.27 12.14
CA TYR A 51 6.63 -1.18 11.81
C TYR A 51 6.25 -0.55 10.46
N CYS A 52 5.62 -1.32 9.58
CA CYS A 52 5.08 -0.75 8.34
C CYS A 52 3.92 0.18 8.61
N SER A 53 3.04 -0.21 9.54
CA SER A 53 1.95 0.64 9.94
C SER A 53 2.46 1.94 10.57
N GLN A 54 3.49 1.82 11.41
CA GLN A 54 4.06 3.01 12.05
CA GLN A 54 4.05 3.02 12.05
CA GLN A 54 4.06 3.01 12.05
C GLN A 54 4.72 3.94 11.03
N LEU A 55 5.43 3.37 10.07
CA LEU A 55 6.05 4.16 9.03
C LEU A 55 5.00 4.93 8.25
N ALA A 56 3.91 4.27 7.89
CA ALA A 56 2.83 4.93 7.18
C ALA A 56 2.25 6.08 7.95
N LYS A 57 2.03 5.87 9.25
CA LYS A 57 1.48 6.93 10.08
C LYS A 57 2.44 8.13 10.12
N GLU A 58 3.73 7.84 10.18
CA GLU A 58 4.76 8.90 10.30
CA GLU A 58 4.75 8.88 10.32
C GLU A 58 4.95 9.71 9.04
N THR A 59 4.79 9.07 7.88
CA THR A 59 5.20 9.66 6.64
C THR A 59 4.10 9.91 5.61
N ASP A 60 2.89 9.40 5.81
CA ASP A 60 1.94 9.41 4.71
C ASP A 60 1.62 10.85 4.24
N ALA A 61 1.47 11.80 5.15
CA ALA A 61 1.09 13.17 4.73
C ALA A 61 2.22 13.82 3.92
N ASP A 62 3.46 13.66 4.39
CA ASP A 62 4.59 14.24 3.68
C ASP A 62 4.77 13.55 2.34
N MET A 63 4.61 12.22 2.34
CA MET A 63 4.70 11.45 1.10
C MET A 63 3.65 11.93 0.07
N LYS A 64 2.42 12.07 0.52
CA LYS A 64 1.33 12.46 -0.38
C LYS A 64 1.64 13.78 -1.10
N LYS A 65 2.17 14.72 -0.35
CA LYS A 65 2.50 16.01 -0.93
CA LYS A 65 2.50 16.01 -0.93
C LYS A 65 3.64 15.91 -1.95
N LEU A 66 4.68 15.17 -1.59
CA LEU A 66 5.78 14.97 -2.52
C LEU A 66 5.30 14.34 -3.82
N ILE A 67 4.38 13.37 -3.73
CA ILE A 67 3.84 12.75 -4.95
C ILE A 67 3.06 13.79 -5.76
N GLU A 68 2.16 14.46 -5.08
CA GLU A 68 1.29 15.39 -5.79
C GLU A 68 2.10 16.46 -6.51
N ASP A 69 3.14 16.95 -5.85
CA ASP A 69 3.94 18.03 -6.39
C ASP A 69 4.93 17.61 -7.48
N GLY A 70 5.06 16.32 -7.75
CA GLY A 70 5.91 15.83 -8.81
C GLY A 70 7.36 15.66 -8.39
N LYS A 71 7.59 15.60 -7.08
CA LYS A 71 8.96 15.41 -6.57
CA LYS A 71 8.95 15.42 -6.57
C LYS A 71 9.40 13.95 -6.54
N VAL A 72 8.45 13.04 -6.41
CA VAL A 72 8.73 11.63 -6.31
C VAL A 72 7.68 10.82 -7.09
N LYS A 73 8.15 9.66 -7.55
CA LYS A 73 7.32 8.58 -8.04
CA LYS A 73 7.33 8.58 -8.04
C LYS A 73 7.47 7.50 -6.98
N VAL A 74 6.37 7.13 -6.32
CA VAL A 74 6.42 6.13 -5.25
C VAL A 74 5.96 4.79 -5.79
N ASN A 75 6.79 3.79 -5.59
CA ASN A 75 6.43 2.40 -5.86
C ASN A 75 6.13 1.70 -4.54
N ILE A 76 4.86 1.42 -4.28
CA ILE A 76 4.46 0.59 -3.15
C ILE A 76 4.68 -0.85 -3.57
N ARG A 77 5.57 -1.52 -2.85
CA ARG A 77 5.99 -2.88 -3.14
C ARG A 77 5.58 -3.80 -2.00
N THR A 78 4.36 -4.32 -2.14
CA THR A 78 3.76 -5.12 -1.10
C THR A 78 4.35 -6.50 -1.06
N MET A 79 4.53 -7.00 0.17
CA MET A 79 5.05 -8.32 0.46
CA MET A 79 5.06 -8.32 0.46
C MET A 79 4.09 -9.06 1.39
N ASN A 80 4.34 -10.36 1.57
CA ASN A 80 3.44 -11.18 2.38
C ASN A 80 4.14 -12.16 3.29
N PHE A 81 5.37 -11.88 3.66
CA PHE A 81 6.13 -12.82 4.52
CA PHE A 81 6.12 -12.84 4.50
C PHE A 81 5.52 -13.06 5.90
N LEU A 82 4.76 -12.09 6.41
CA LEU A 82 4.18 -12.31 7.74
C LEU A 82 3.13 -13.40 7.73
N ASP A 83 2.65 -13.82 6.56
CA ASP A 83 1.72 -14.93 6.53
C ASP A 83 2.43 -16.30 6.64
N LYS A 84 3.76 -16.31 6.58
CA LYS A 84 4.54 -17.52 6.79
C LYS A 84 4.11 -18.64 5.84
N GLY A 85 3.88 -18.26 4.59
CA GLY A 85 3.56 -19.21 3.51
C GLY A 85 2.09 -19.55 3.35
N GLU A 86 1.29 -19.23 4.36
CA GLU A 86 -0.14 -19.49 4.30
C GLU A 86 -0.89 -18.32 3.66
N ILE A 87 -2.16 -18.51 3.34
CA ILE A 87 -2.98 -17.42 2.86
C ILE A 87 -3.70 -16.83 4.07
N GLY A 88 -3.12 -15.76 4.56
CA GLY A 88 -3.56 -15.09 5.76
C GLY A 88 -3.84 -13.62 5.50
N HIS A 89 -3.69 -12.83 6.56
CA HIS A 89 -4.04 -11.44 6.50
C HIS A 89 -3.22 -10.65 5.50
N SER A 90 -1.92 -10.93 5.45
CA SER A 90 -1.08 -10.16 4.54
C SER A 90 -1.49 -10.35 3.09
N ASN A 91 -1.85 -11.60 2.75
CA ASN A 91 -2.34 -11.90 1.42
C ASN A 91 -3.73 -11.34 1.16
N LYS A 92 -4.64 -11.47 2.11
CA LYS A 92 -6.01 -10.98 1.87
C LYS A 92 -6.04 -9.46 1.75
N ALA A 93 -5.43 -8.79 2.71
CA ALA A 93 -5.34 -7.33 2.67
C ALA A 93 -4.57 -6.86 1.45
N GLY A 94 -3.45 -7.52 1.15
CA GLY A 94 -2.68 -7.14 0.00
C GLY A 94 -3.43 -7.33 -1.29
N THR A 95 -4.15 -8.45 -1.42
CA THR A 95 -4.96 -8.68 -2.61
C THR A 95 -6.03 -7.62 -2.77
N ALA A 96 -6.71 -7.31 -1.68
CA ALA A 96 -7.75 -6.30 -1.74
C ALA A 96 -7.20 -4.94 -2.18
N ALA A 97 -6.11 -4.50 -1.56
CA ALA A 97 -5.53 -3.23 -1.92
C ALA A 97 -5.02 -3.22 -3.36
N TYR A 98 -4.44 -4.34 -3.81
CA TYR A 98 -3.93 -4.46 -5.17
C TYR A 98 -5.05 -4.36 -6.19
N THR A 99 -6.17 -4.96 -5.88
CA THR A 99 -7.35 -4.93 -6.76
C THR A 99 -7.80 -3.48 -6.97
N ILE A 100 -7.83 -2.72 -5.87
CA ILE A 100 -8.19 -1.31 -5.97
C ILE A 100 -7.12 -0.53 -6.77
N ALA A 101 -5.85 -0.81 -6.50
CA ALA A 101 -4.77 -0.14 -7.22
C ALA A 101 -4.88 -0.36 -8.72
N LYS A 102 -5.20 -1.59 -9.11
CA LYS A 102 -5.20 -1.95 -10.51
C LYS A 102 -6.46 -1.46 -11.24
N ASP A 103 -7.62 -1.55 -10.58
CA ASP A 103 -8.92 -1.32 -11.24
C ASP A 103 -9.65 -0.07 -10.84
N ASP A 104 -9.20 0.63 -9.83
CA ASP A 104 -9.96 1.66 -9.22
C ASP A 104 -9.14 2.94 -9.12
N SER A 105 -9.63 3.91 -8.37
CA SER A 105 -9.03 5.23 -8.36
C SER A 105 -7.89 5.32 -7.33
N ALA A 106 -7.00 6.26 -7.59
CA ALA A 106 -5.92 6.58 -6.67
C ALA A 106 -6.46 6.99 -5.31
N GLN A 107 -7.58 7.71 -5.31
CA GLN A 107 -8.13 8.18 -4.08
C GLN A 107 -8.64 7.01 -3.19
N VAL A 108 -9.36 6.08 -3.80
CA VAL A 108 -9.86 4.93 -3.05
C VAL A 108 -8.68 4.08 -2.59
N TYR A 109 -7.70 3.89 -3.47
CA TYR A 109 -6.51 3.13 -3.08
C TYR A 109 -5.82 3.75 -1.86
N TRP A 110 -5.58 5.05 -1.93
CA TRP A 110 -4.87 5.74 -0.86
C TRP A 110 -5.59 5.60 0.47
N ASN A 111 -6.89 5.85 0.45
CA ASN A 111 -7.67 5.75 1.67
C ASN A 111 -7.78 4.31 2.20
N PHE A 112 -7.88 3.33 1.29
CA PHE A 112 -7.93 1.94 1.69
C PHE A 112 -6.61 1.49 2.30
N ARG A 113 -5.50 1.91 1.70
CA ARG A 113 -4.19 1.58 2.26
C ARG A 113 -4.03 2.19 3.64
N THR A 114 -4.42 3.44 3.79
CA THR A 114 -4.36 4.10 5.10
C THR A 114 -5.18 3.33 6.13
N MET A 115 -6.40 2.97 5.74
CA MET A 115 -7.26 2.22 6.62
C MET A 115 -6.61 0.91 7.05
N LEU A 116 -6.07 0.15 6.10
CA LEU A 116 -5.50 -1.16 6.44
C LEU A 116 -4.35 -1.01 7.42
N MET A 117 -3.50 -0.01 7.22
CA MET A 117 -2.37 0.21 8.11
C MET A 117 -2.83 0.73 9.46
N THR A 118 -3.80 1.64 9.48
CA THR A 118 -4.23 2.25 10.74
C THR A 118 -5.03 1.25 11.60
N GLU A 119 -5.88 0.49 10.94
CA GLU A 119 -6.73 -0.48 11.65
C GLU A 119 -6.09 -1.83 11.86
N GLN A 120 -4.82 -1.97 11.44
CA GLN A 120 -4.11 -3.25 11.41
C GLN A 120 -4.39 -4.15 12.62
N GLN A 121 -4.15 -3.69 13.84
CA GLN A 121 -4.26 -4.59 14.97
C GLN A 121 -5.68 -5.01 15.26
N ASN A 122 -6.65 -4.14 14.94
CA ASN A 122 -8.08 -4.43 15.11
C ASN A 122 -8.61 -5.43 14.08
N ILE A 123 -8.01 -5.44 12.88
CA ILE A 123 -8.53 -6.27 11.80
C ILE A 123 -7.70 -7.51 11.48
N TRP A 124 -6.46 -7.59 11.98
CA TRP A 124 -5.56 -8.69 11.61
C TRP A 124 -6.21 -10.02 11.92
N GLY A 125 -6.31 -10.83 10.88
CA GLY A 125 -6.86 -12.17 11.00
C GLY A 125 -8.36 -12.27 11.12
N LYS A 126 -9.06 -11.13 11.11
CA LYS A 126 -10.48 -11.07 11.33
C LYS A 126 -11.31 -10.72 10.11
N LYS A 127 -10.66 -10.55 8.96
CA LYS A 127 -11.35 -10.09 7.75
C LYS A 127 -11.05 -11.05 6.60
N GLU A 128 -12.11 -11.64 6.06
CA GLU A 128 -11.99 -12.40 4.84
C GLU A 128 -12.10 -11.43 3.65
N LEU A 129 -11.85 -11.95 2.44
CA LEU A 129 -11.98 -11.10 1.28
C LEU A 129 -13.35 -10.45 1.18
N LYS A 130 -14.43 -11.17 1.53
CA LYS A 130 -15.75 -10.53 1.44
C LYS A 130 -15.88 -9.33 2.38
N ASP A 131 -15.21 -9.40 3.53
CA ASP A 131 -15.23 -8.32 4.51
C ASP A 131 -14.42 -7.12 4.02
N LEU A 132 -13.26 -7.42 3.47
CA LEU A 132 -12.43 -6.38 2.85
C LEU A 132 -13.15 -5.72 1.68
N ALA A 133 -13.95 -6.50 0.95
CA ALA A 133 -14.76 -5.95 -0.13
C ALA A 133 -15.80 -4.96 0.42
N ASP A 134 -16.44 -5.32 1.54
CA ASP A 134 -17.42 -4.42 2.17
C ASP A 134 -16.74 -3.10 2.56
N MET A 135 -15.53 -3.19 3.10
CA MET A 135 -14.79 -1.98 3.50
C MET A 135 -14.45 -1.10 2.28
N ALA A 136 -14.06 -1.77 1.20
CA ALA A 136 -13.76 -1.07 -0.04
C ALA A 136 -14.98 -0.33 -0.55
N LYS A 137 -16.16 -0.97 -0.46
CA LYS A 137 -17.39 -0.31 -0.88
C LYS A 137 -17.65 0.96 -0.06
N ILE A 138 -17.47 0.86 1.25
CA ILE A 138 -17.67 2.00 2.13
C ILE A 138 -16.72 3.16 1.75
N LEU A 139 -15.50 2.81 1.32
CA LEU A 139 -14.50 3.81 0.93
C LEU A 139 -14.59 4.24 -0.54
N GLY A 140 -15.65 3.86 -1.23
CA GLY A 140 -15.94 4.43 -2.52
C GLY A 140 -15.55 3.61 -3.73
N ALA A 141 -15.16 2.34 -3.55
CA ALA A 141 -14.76 1.53 -4.70
C ALA A 141 -15.92 1.28 -5.65
N LYS A 142 -15.60 1.11 -6.93
CA LYS A 142 -16.56 0.72 -7.95
CA LYS A 142 -16.56 0.71 -7.96
C LYS A 142 -17.19 -0.62 -7.62
N ASP A 143 -18.41 -0.84 -8.11
CA ASP A 143 -19.12 -2.10 -7.90
C ASP A 143 -18.28 -3.29 -8.35
N GLU A 144 -17.67 -3.20 -9.52
CA GLU A 144 -16.89 -4.32 -10.04
C GLU A 144 -15.64 -4.59 -9.20
N THR A 145 -15.06 -3.51 -8.65
CA THR A 145 -13.90 -3.68 -7.77
C THR A 145 -14.27 -4.45 -6.52
N VAL A 146 -15.39 -4.09 -5.93
CA VAL A 146 -15.90 -4.76 -4.74
C VAL A 146 -16.08 -6.25 -5.04
N LYS A 147 -16.73 -6.56 -6.18
CA LYS A 147 -16.92 -7.95 -6.58
C LYS A 147 -15.58 -8.68 -6.71
N LYS A 148 -14.61 -8.06 -7.41
CA LYS A 148 -13.34 -8.73 -7.64
C LYS A 148 -12.60 -8.97 -6.33
N ILE A 149 -12.70 -8.05 -5.37
CA ILE A 149 -12.08 -8.30 -4.05
C ILE A 149 -12.71 -9.53 -3.40
N ALA A 150 -14.03 -9.54 -3.32
CA ALA A 150 -14.72 -10.66 -2.65
C ALA A 150 -14.41 -11.99 -3.31
N ASP A 151 -14.30 -11.96 -4.64
CA ASP A 151 -14.08 -13.17 -5.42
C ASP A 151 -12.61 -13.62 -5.44
N GLY A 152 -11.71 -12.79 -4.93
CA GLY A 152 -10.29 -13.12 -5.02
C GLY A 152 -9.78 -13.25 -6.45
N THR A 153 -10.34 -12.43 -7.32
CA THR A 153 -9.96 -12.47 -8.74
C THR A 153 -8.45 -12.31 -8.93
N TYR A 154 -7.84 -11.44 -8.13
CA TYR A 154 -6.40 -11.20 -8.24
C TYR A 154 -5.58 -11.88 -7.16
N SER A 155 -6.13 -12.84 -6.43
CA SER A 155 -5.34 -13.50 -5.39
C SER A 155 -4.07 -14.13 -5.90
N ASP A 156 -4.14 -14.83 -7.02
CA ASP A 156 -2.96 -15.48 -7.54
C ASP A 156 -1.98 -14.47 -8.14
N GLU A 157 -2.49 -13.46 -8.83
CA GLU A 157 -1.65 -12.40 -9.35
C GLU A 157 -0.90 -11.71 -8.20
N PHE A 158 -1.59 -11.48 -7.09
CA PHE A 158 -0.98 -10.86 -5.94
C PHE A 158 0.10 -11.74 -5.32
N LYS A 159 -0.09 -13.06 -5.28
CA LYS A 159 0.96 -13.94 -4.78
CA LYS A 159 0.95 -13.95 -4.79
C LYS A 159 2.27 -13.70 -5.54
N LYS A 160 2.17 -13.57 -6.85
CA LYS A 160 3.35 -13.31 -7.66
C LYS A 160 3.92 -11.90 -7.42
N ILE A 161 3.05 -10.89 -7.30
CA ILE A 161 3.49 -9.52 -6.93
C ILE A 161 4.38 -9.59 -5.68
N ALA A 162 3.87 -10.24 -4.64
CA ALA A 162 4.57 -10.32 -3.36
C ALA A 162 5.91 -11.06 -3.49
N ASP A 163 5.88 -12.19 -4.19
CA ASP A 163 7.12 -12.93 -4.39
C ASP A 163 8.14 -12.11 -5.19
N ASP A 164 7.66 -11.41 -6.21
CA ASP A 164 8.53 -10.60 -7.04
C ASP A 164 9.15 -9.45 -6.25
N ASN A 165 8.37 -8.82 -5.38
CA ASN A 165 8.94 -7.76 -4.55
C ASN A 165 9.96 -8.29 -3.56
N ALA A 166 9.72 -9.46 -2.98
CA ALA A 166 10.72 -10.06 -2.11
C ALA A 166 12.02 -10.34 -2.87
N LYS A 167 11.91 -10.85 -4.09
CA LYS A 167 13.09 -11.14 -4.93
C LYS A 167 13.85 -9.86 -5.24
N LYS A 168 13.13 -8.79 -5.58
CA LYS A 168 13.77 -7.52 -5.87
C LYS A 168 14.47 -6.95 -4.64
N LEU A 169 13.82 -7.04 -3.48
CA LEU A 169 14.41 -6.54 -2.27
C LEU A 169 15.70 -7.27 -1.95
N GLU A 170 15.69 -8.59 -2.09
CA GLU A 170 16.87 -9.39 -1.82
CA GLU A 170 16.87 -9.41 -1.83
C GLU A 170 18.02 -8.99 -2.73
N LYS A 171 17.73 -8.74 -4.01
CA LYS A 171 18.75 -8.38 -4.98
C LYS A 171 19.29 -6.97 -4.77
N ASP A 172 18.42 -6.03 -4.43
CA ASP A 172 18.77 -4.60 -4.42
C ASP A 172 19.30 -4.11 -3.09
N GLY A 173 18.95 -4.81 -2.03
CA GLY A 173 19.35 -4.47 -0.71
C GLY A 173 20.60 -5.17 -0.30
N ASP A 174 20.61 -5.53 0.97
CA ASP A 174 21.70 -6.21 1.62
C ASP A 174 21.54 -7.75 1.69
N GLY A 175 20.48 -8.26 1.06
CA GLY A 175 20.17 -9.70 1.03
C GLY A 175 19.08 -10.10 2.02
N GLN A 176 18.87 -9.28 3.03
CA GLN A 176 17.81 -9.54 4.02
C GLN A 176 16.46 -9.08 3.46
N VAL A 177 15.42 -9.88 3.68
CA VAL A 177 14.09 -9.56 3.30
CA VAL A 177 14.04 -9.43 3.22
C VAL A 177 13.41 -9.40 4.63
C VAL A 177 12.99 -8.87 4.24
N SER A 178 12.92 -8.20 4.78
N SER A 178 13.45 -8.31 5.35
CA SER A 178 12.21 -7.79 5.96
CA SER A 178 12.51 -7.73 6.33
C SER A 178 11.47 -6.57 5.49
C SER A 178 11.92 -6.40 5.83
N SER A 179 10.75 -5.97 6.40
N SER A 179 10.76 -6.03 6.38
CA SER A 179 10.03 -4.77 6.08
C SER A 179 9.84 -3.98 7.36
N PRO A 180 9.58 -2.67 7.24
CA PRO A 180 9.59 -1.85 6.03
C PRO A 180 11.00 -1.57 5.53
N ARG A 181 11.12 -1.30 4.24
CA ARG A 181 12.39 -0.85 3.66
C ARG A 181 12.10 0.23 2.64
N VAL A 182 12.92 1.26 2.61
CA VAL A 182 12.77 2.36 1.68
C VAL A 182 14.05 2.58 0.91
N PHE A 183 13.90 2.74 -0.39
CA PHE A 183 15.01 3.08 -1.28
C PHE A 183 14.66 4.35 -2.02
N ILE A 184 15.63 5.26 -2.17
CA ILE A 184 15.48 6.44 -3.01
C ILE A 184 16.50 6.35 -4.14
N ASP A 185 16.01 6.31 -5.37
CA ASP A 185 16.85 6.09 -6.55
C ASP A 185 17.82 4.92 -6.32
N GLY A 186 17.30 3.84 -5.76
CA GLY A 186 18.04 2.63 -5.60
C GLY A 186 18.96 2.53 -4.42
N LYS A 187 19.00 3.55 -3.57
CA LYS A 187 19.86 3.55 -2.38
CA LYS A 187 19.85 3.51 -2.38
C LYS A 187 18.96 3.37 -1.16
N GLU A 188 19.29 2.40 -0.30
CA GLU A 188 18.49 2.15 0.88
C GLU A 188 18.65 3.27 1.89
N ILE A 189 17.55 3.70 2.46
CA ILE A 189 17.54 4.75 3.49
C ILE A 189 17.66 4.11 4.86
N LYS A 190 18.54 4.65 5.68
CA LYS A 190 18.83 4.11 7.01
C LYS A 190 17.74 4.36 8.04
N GLU A 191 17.21 5.58 8.05
CA GLU A 191 16.16 6.00 8.96
C GLU A 191 14.91 6.25 8.13
N ASN A 192 14.10 5.20 7.96
CA ASN A 192 12.96 5.30 7.08
C ASN A 192 11.96 6.33 7.49
N ALA A 193 11.81 6.52 8.80
CA ALA A 193 10.79 7.39 9.36
C ALA A 193 10.92 8.82 8.89
N THR A 194 12.13 9.23 8.46
CA THR A 194 12.36 10.59 8.00
C THR A 194 12.71 10.64 6.51
N TRP A 195 12.38 9.59 5.74
CA TRP A 195 12.78 9.64 4.34
C TRP A 195 12.26 10.85 3.57
N PRO A 196 11.03 11.35 3.87
CA PRO A 196 10.58 12.49 3.08
C PRO A 196 11.51 13.71 3.21
N SER A 197 12.17 13.85 4.35
CA SER A 197 13.08 14.95 4.57
C SER A 197 14.34 14.86 3.71
N GLN A 198 14.58 13.75 3.04
CA GLN A 198 15.68 13.66 2.05
C GLN A 198 15.37 14.28 0.73
N ILE A 199 14.11 14.60 0.50
CA ILE A 199 13.66 15.06 -0.80
C ILE A 199 13.50 16.57 -0.75
N LYS A 200 14.31 17.29 -1.50
CA LYS A 200 14.27 18.74 -1.54
C LYS A 200 13.77 19.26 -2.87
#